data_4ORZ
#
_entry.id   4ORZ
#
_cell.length_a   73.000
_cell.length_b   73.000
_cell.length_c   71.000
_cell.angle_alpha   90.00
_cell.angle_beta   90.00
_cell.angle_gamma   90.00
#
_symmetry.space_group_name_H-M   'P 41'
#
loop_
_entity.id
_entity.type
_entity.pdbx_description
1 polymer 'Tyrosine-protein kinase HCK'
2 polymer 'Protein Nef'
3 polymer 'single domain antibody sdAb19'
4 water water
#
loop_
_entity_poly.entity_id
_entity_poly.type
_entity_poly.pdbx_seq_one_letter_code
_entity_poly.pdbx_strand_id
1 'polypeptide(L)' GAHMGGSEDIIVVALYDYYSPFSWDLSFQKGDQMVVLEESGEWWKARSLATRKEGYIPSNYVARVDS A
2 'polypeptide(L)'
;GAMASSNTAATNADSAWLEAQEEEEVGFPVRPQVPLRPMTYKAALDISHFLKEKGGLEGLIWSQRRQEILDLWIYHTQGY
FPDWQNYTPGPGIRYPLTFGWCFKLVPVEPEKVDAEKEVLVWRFDSKLAFHHMARELHPEYYKDA
;
B
3 'polypeptide(L)'
;GAMAEVQLVESGGGLVQAGGSLRLFCAASGFTFGTSNMAWLRQAPGKRREWVALITISGYTDYADSVKDRFTISRDNAKN
TVSLQMNSLKPEDTAIYFCARRVGSEYDLWGQGTQVTVSS
;
C
#
# COMPACT_ATOMS: atom_id res chain seq x y z
N ILE A 10 38.28 10.89 -7.76
CA ILE A 10 37.60 12.01 -7.14
C ILE A 10 37.53 11.86 -5.62
N ILE A 11 38.50 12.45 -4.91
CA ILE A 11 38.50 12.43 -3.44
C ILE A 11 37.81 13.69 -2.90
N VAL A 12 37.00 13.51 -1.85
CA VAL A 12 36.24 14.61 -1.29
C VAL A 12 36.35 14.63 0.23
N VAL A 13 36.23 15.80 0.83
CA VAL A 13 36.17 15.91 2.30
C VAL A 13 34.84 16.52 2.73
N ALA A 14 34.37 16.12 3.91
CA ALA A 14 33.10 16.57 4.44
C ALA A 14 33.20 17.95 5.07
N LEU A 15 32.34 18.87 4.64
CA LEU A 15 32.30 20.23 5.19
C LEU A 15 31.47 20.29 6.46
N TYR A 16 30.57 19.32 6.63
CA TYR A 16 29.70 19.24 7.80
C TYR A 16 29.53 17.78 8.19
N ASP A 17 29.02 17.52 9.39
CA ASP A 17 28.64 16.17 9.78
C ASP A 17 27.36 15.78 9.04
N TYR A 18 27.26 14.52 8.62
CA TYR A 18 26.00 14.02 8.08
C TYR A 18 25.59 12.73 8.77
N TYR A 19 24.51 12.78 9.53
CA TYR A 19 24.01 11.55 10.11
C TYR A 19 22.67 11.16 9.49
N SER A 20 22.59 9.93 9.01
CA SER A 20 21.37 9.42 8.36
C SER A 20 20.92 8.14 9.04
N PRO A 21 19.61 8.01 9.30
CA PRO A 21 19.16 6.75 9.91
C PRO A 21 19.06 5.64 8.87
N PHE A 22 19.28 5.94 7.60
CA PHE A 22 19.02 4.98 6.53
C PHE A 22 20.24 4.15 6.11
N SER A 23 20.02 2.85 5.88
CA SER A 23 21.12 1.94 5.55
C SER A 23 21.80 2.25 4.22
N TRP A 24 21.06 2.82 3.27
CA TRP A 24 21.62 3.13 1.95
C TRP A 24 22.50 4.39 1.92
N ASP A 25 22.50 5.15 3.01
CA ASP A 25 23.33 6.37 3.10
C ASP A 25 24.63 6.10 3.83
N LEU A 26 25.67 6.84 3.47
CA LEU A 26 26.90 6.85 4.26
C LEU A 26 26.87 8.03 5.21
N SER A 27 26.85 7.77 6.51
CA SER A 27 26.99 8.83 7.49
C SER A 27 28.46 9.20 7.55
N PHE A 28 28.75 10.43 7.95
CA PHE A 28 30.15 10.88 8.10
C PHE A 28 30.26 12.09 9.01
N GLN A 29 31.49 12.43 9.37
CA GLN A 29 31.74 13.65 10.15
C GLN A 29 32.57 14.64 9.34
N LYS A 30 32.51 15.91 9.72
CA LYS A 30 33.34 16.95 9.11
C LYS A 30 34.81 16.54 9.19
N GLY A 31 35.48 16.50 8.05
CA GLY A 31 36.86 16.10 8.02
C GLY A 31 37.05 14.79 7.27
N ASP A 32 36.13 13.86 7.52
CA ASP A 32 36.17 12.53 6.89
C ASP A 32 36.34 12.63 5.39
N GLN A 33 37.29 11.86 4.85
CA GLN A 33 37.54 11.84 3.42
C GLN A 33 36.85 10.66 2.77
N MET A 34 36.43 10.83 1.52
CA MET A 34 35.66 9.80 0.84
C MET A 34 36.03 9.78 -0.64
N VAL A 35 35.83 8.64 -1.28
CA VAL A 35 36.03 8.53 -2.72
C VAL A 35 34.68 8.42 -3.40
N VAL A 36 34.49 9.22 -4.44
CA VAL A 36 33.23 9.23 -5.19
C VAL A 36 33.23 8.14 -6.22
N LEU A 37 32.21 7.29 -6.17
CA LEU A 37 32.10 6.16 -7.09
C LEU A 37 31.12 6.48 -8.20
N GLU A 38 30.27 7.49 -7.98
CA GLU A 38 29.16 7.73 -8.87
C GLU A 38 28.58 9.14 -8.66
N GLU A 39 28.71 10.00 -9.69
CA GLU A 39 28.15 11.36 -9.69
C GLU A 39 26.74 11.32 -10.30
N SER A 40 25.82 10.71 -9.57
CA SER A 40 24.50 10.35 -10.05
C SER A 40 23.46 11.44 -9.87
N GLY A 41 23.87 12.69 -10.06
CA GLY A 41 23.01 13.81 -9.73
C GLY A 41 23.63 14.50 -8.55
N GLU A 42 22.81 14.94 -7.59
CA GLU A 42 23.35 15.67 -6.45
C GLU A 42 23.46 14.79 -5.21
N TRP A 43 22.97 13.57 -5.33
CA TRP A 43 23.23 12.55 -4.32
C TRP A 43 24.16 11.51 -4.94
N TRP A 44 25.36 11.44 -4.38
CA TRP A 44 26.45 10.67 -4.95
C TRP A 44 26.68 9.37 -4.16
N LYS A 45 27.12 8.32 -4.85
CA LYS A 45 27.57 7.13 -4.13
C LYS A 45 29.03 7.34 -3.78
N ALA A 46 29.37 7.17 -2.50
CA ALA A 46 30.73 7.38 -2.05
C ALA A 46 31.19 6.23 -1.15
N ARG A 47 32.50 6.16 -0.92
CA ARG A 47 33.09 5.17 -0.02
C ARG A 47 34.05 5.88 0.93
N SER A 48 33.92 5.60 2.22
CA SER A 48 34.78 6.20 3.23
C SER A 48 36.19 5.62 3.15
N LEU A 49 37.20 6.50 3.16
CA LEU A 49 38.59 6.07 3.14
C LEU A 49 38.91 5.29 4.41
N ALA A 50 38.43 5.82 5.53
CA ALA A 50 38.65 5.20 6.84
C ALA A 50 38.08 3.79 6.98
N THR A 51 36.76 3.65 6.80
CA THR A 51 36.06 2.40 7.09
C THR A 51 35.75 1.52 5.87
N ARG A 52 35.82 2.08 4.67
CA ARG A 52 35.42 1.39 3.42
C ARG A 52 33.91 1.18 3.28
N LYS A 53 33.13 1.65 4.25
CA LYS A 53 31.66 1.59 4.14
C LYS A 53 31.20 2.46 2.97
N GLU A 54 30.20 2.00 2.24
CA GLU A 54 29.70 2.77 1.11
C GLU A 54 28.26 3.24 1.36
N GLY A 55 27.84 4.25 0.60
CA GLY A 55 26.49 4.76 0.76
C GLY A 55 26.29 6.03 -0.05
N TYR A 56 25.04 6.48 -0.12
CA TYR A 56 24.75 7.73 -0.78
C TYR A 56 25.06 8.91 0.17
N ILE A 57 25.44 10.05 -0.42
CA ILE A 57 25.82 11.22 0.38
C ILE A 57 25.31 12.47 -0.30
N PRO A 58 24.95 13.49 0.50
CA PRO A 58 24.43 14.70 -0.14
C PRO A 58 25.64 15.48 -0.64
N SER A 59 25.70 15.76 -1.95
CA SER A 59 26.92 16.35 -2.53
C SER A 59 27.26 17.74 -2.00
N ASN A 60 26.26 18.51 -1.57
CA ASN A 60 26.56 19.83 -0.97
C ASN A 60 27.17 19.76 0.43
N TYR A 61 27.41 18.56 0.95
CA TYR A 61 28.02 18.43 2.27
C TYR A 61 29.53 18.21 2.15
N VAL A 62 30.02 18.15 0.91
CA VAL A 62 31.43 17.81 0.63
C VAL A 62 32.07 18.76 -0.41
N ALA A 63 33.41 18.82 -0.40
CA ALA A 63 34.17 19.63 -1.37
C ALA A 63 35.34 18.84 -1.96
N ARG A 64 35.57 18.96 -3.26
CA ARG A 64 36.69 18.27 -3.93
C ARG A 64 38.04 18.62 -3.31
N VAL A 65 39.00 17.69 -3.34
CA VAL A 65 40.37 17.97 -2.88
C VAL A 65 41.40 17.86 -4.00
N GLY B 27 31.11 29.22 9.21
CA GLY B 27 30.91 28.97 10.63
C GLY B 27 29.45 29.02 11.03
N PHE B 28 28.57 29.37 10.08
CA PHE B 28 27.14 29.34 10.33
C PHE B 28 26.79 27.93 10.79
N PRO B 29 26.23 27.81 12.01
CA PRO B 29 26.11 26.50 12.69
C PRO B 29 24.94 25.63 12.23
N VAL B 30 24.26 25.98 11.15
CA VAL B 30 23.18 25.12 10.67
C VAL B 30 23.60 24.48 9.35
N ARG B 31 23.51 23.16 9.28
CA ARG B 31 23.90 22.43 8.08
C ARG B 31 22.88 22.70 6.98
N PRO B 32 23.35 22.71 5.71
CA PRO B 32 22.42 23.05 4.62
C PRO B 32 21.34 21.99 4.39
N GLN B 33 20.27 22.40 3.70
CA GLN B 33 19.25 21.46 3.27
C GLN B 33 19.89 20.48 2.27
N VAL B 34 19.67 19.18 2.47
CA VAL B 34 20.18 18.17 1.51
C VAL B 34 19.52 18.39 0.16
N PRO B 35 20.16 17.95 -0.95
CA PRO B 35 19.67 18.25 -2.30
C PRO B 35 18.26 17.73 -2.60
N LEU B 36 17.50 18.54 -3.32
CA LEU B 36 16.07 18.28 -3.55
C LEU B 36 15.88 17.41 -4.78
N ARG B 37 14.83 16.59 -4.81
CA ARG B 37 14.63 15.63 -5.88
C ARG B 37 13.21 15.09 -5.79
N PRO B 38 12.64 14.65 -6.92
CA PRO B 38 11.28 14.10 -6.92
C PRO B 38 11.27 12.63 -6.50
N MET B 39 10.19 12.21 -5.85
CA MET B 39 10.05 10.85 -5.36
C MET B 39 10.12 9.87 -6.53
N THR B 40 10.70 8.70 -6.30
CA THR B 40 10.79 7.68 -7.32
C THR B 40 10.19 6.39 -6.78
N TYR B 41 9.97 5.40 -7.62
CA TYR B 41 9.53 4.09 -7.16
C TYR B 41 10.49 3.54 -6.11
N LYS B 42 11.79 3.61 -6.41
CA LYS B 42 12.77 2.94 -5.56
C LYS B 42 12.95 3.64 -4.20
N ALA B 43 12.87 4.96 -4.19
CA ALA B 43 12.98 5.69 -2.92
C ALA B 43 11.74 5.41 -2.08
N ALA B 44 10.59 5.32 -2.73
CA ALA B 44 9.38 5.05 -1.96
C ALA B 44 9.44 3.64 -1.39
N LEU B 45 9.93 2.71 -2.20
CA LEU B 45 10.09 1.33 -1.77
C LEU B 45 11.05 1.24 -0.60
N ASP B 46 12.22 1.85 -0.77
CA ASP B 46 13.25 1.84 0.26
C ASP B 46 12.73 2.43 1.56
N ILE B 47 12.12 3.60 1.48
CA ILE B 47 11.64 4.27 2.68
C ILE B 47 10.46 3.51 3.34
N SER B 48 9.56 2.94 2.53
CA SER B 48 8.47 2.10 3.06
C SER B 48 9.04 0.99 3.88
N HIS B 49 10.06 0.33 3.34
CA HIS B 49 10.64 -0.82 4.02
C HIS B 49 11.39 -0.43 5.30
N PHE B 50 12.08 0.70 5.30
CA PHE B 50 12.69 1.22 6.52
C PHE B 50 11.65 1.40 7.63
N LEU B 51 10.55 2.07 7.31
CA LEU B 51 9.49 2.35 8.28
C LEU B 51 8.86 1.04 8.76
N LYS B 52 8.68 0.09 7.84
CA LYS B 52 8.23 -1.25 8.24
C LYS B 52 9.17 -1.92 9.26
N GLU B 53 10.47 -1.92 9.00
CA GLU B 53 11.43 -2.49 9.96
C GLU B 53 11.33 -1.81 11.32
N LYS B 54 11.14 -0.50 11.32
CA LYS B 54 11.08 0.26 12.57
C LYS B 54 9.69 0.17 13.20
N GLY B 55 8.72 -0.34 12.45
CA GLY B 55 7.34 -0.43 12.93
C GLY B 55 6.72 0.95 13.06
N GLY B 56 7.27 1.90 12.30
CA GLY B 56 6.96 3.32 12.44
C GLY B 56 5.56 3.88 12.20
N LEU B 57 4.82 3.31 11.24
CA LEU B 57 3.52 3.85 10.82
C LEU B 57 2.36 2.89 11.03
N GLU B 58 2.68 1.60 11.05
CA GLU B 58 1.68 0.54 11.11
C GLU B 58 0.63 0.80 12.21
N GLY B 59 -0.64 0.79 11.85
CA GLY B 59 -1.72 0.94 12.83
C GLY B 59 -2.04 2.35 13.31
N LEU B 60 -1.18 3.32 12.98
CA LEU B 60 -1.37 4.71 13.39
C LEU B 60 -2.55 5.34 12.68
N ILE B 61 -3.43 6.03 13.41
CA ILE B 61 -4.56 6.74 12.81
C ILE B 61 -4.05 7.85 11.91
N TRP B 62 -4.52 7.88 10.67
CA TRP B 62 -4.08 8.90 9.72
C TRP B 62 -4.66 10.26 10.09
N SER B 63 -3.85 11.31 9.92
CA SER B 63 -4.35 12.68 9.96
C SER B 63 -3.50 13.52 9.03
N GLN B 64 -4.05 14.65 8.58
CA GLN B 64 -3.32 15.59 7.75
C GLN B 64 -1.99 15.98 8.41
N ARG B 65 -2.03 16.30 9.70
CA ARG B 65 -0.83 16.71 10.42
C ARG B 65 0.19 15.58 10.55
N ARG B 66 -0.24 14.37 10.86
CA ARG B 66 0.70 13.26 10.98
C ARG B 66 1.39 12.98 9.65
N GLN B 67 0.61 12.98 8.57
CA GLN B 67 1.24 12.72 7.28
C GLN B 67 2.21 13.84 6.91
N GLU B 68 1.90 15.07 7.31
CA GLU B 68 2.77 16.21 7.04
C GLU B 68 4.11 16.04 7.75
N ILE B 69 4.07 15.61 9.02
CA ILE B 69 5.28 15.32 9.76
C ILE B 69 6.07 14.24 9.04
N LEU B 70 5.36 13.24 8.53
CA LEU B 70 6.03 12.16 7.80
C LEU B 70 6.70 12.73 6.56
N ASP B 71 5.93 13.47 5.75
CA ASP B 71 6.44 14.00 4.49
C ASP B 71 7.60 14.99 4.66
N LEU B 72 7.54 15.79 5.71
CA LEU B 72 8.56 16.80 5.99
C LEU B 72 9.82 16.18 6.57
N TRP B 73 9.66 15.07 7.29
CA TRP B 73 10.81 14.32 7.78
C TRP B 73 11.58 13.72 6.60
N ILE B 74 10.86 13.19 5.61
CA ILE B 74 11.50 12.71 4.37
C ILE B 74 12.11 13.87 3.57
N TYR B 75 11.43 15.01 3.51
CA TYR B 75 12.00 16.19 2.88
C TYR B 75 13.34 16.55 3.54
N HIS B 76 13.32 16.64 4.86
CA HIS B 76 14.49 17.08 5.63
C HIS B 76 15.69 16.13 5.56
N THR B 77 15.43 14.83 5.64
CA THR B 77 16.50 13.84 5.71
C THR B 77 16.98 13.36 4.34
N GLN B 78 16.10 13.45 3.33
CA GLN B 78 16.39 12.82 2.03
C GLN B 78 16.20 13.75 0.83
N GLY B 79 15.49 14.87 1.02
CA GLY B 79 15.33 15.84 -0.04
C GLY B 79 14.13 15.70 -0.96
N TYR B 80 13.23 14.75 -0.68
CA TYR B 80 12.08 14.55 -1.56
C TYR B 80 10.98 15.60 -1.35
N PHE B 81 10.62 16.31 -2.42
CA PHE B 81 9.51 17.26 -2.37
C PHE B 81 8.29 16.51 -1.86
N PRO B 82 7.55 17.11 -0.91
CA PRO B 82 6.41 16.47 -0.26
C PRO B 82 5.12 16.57 -1.07
N ASP B 83 5.16 16.06 -2.30
CA ASP B 83 4.01 16.10 -3.18
C ASP B 83 3.63 14.71 -3.69
N TRP B 84 4.16 13.68 -3.04
CA TRP B 84 4.06 12.33 -3.60
C TRP B 84 3.09 11.43 -2.86
N GLN B 85 2.87 11.71 -1.58
CA GLN B 85 2.11 10.77 -0.76
C GLN B 85 0.61 11.02 -0.85
N ASN B 86 0.04 10.69 -2.01
CA ASN B 86 -1.39 10.84 -2.25
C ASN B 86 -2.01 9.46 -2.39
N TYR B 87 -3.31 9.37 -2.08
CA TYR B 87 -4.00 8.09 -2.11
C TYR B 87 -5.31 8.16 -2.92
N THR B 88 -5.82 7.01 -3.36
CA THR B 88 -7.08 6.97 -4.08
C THR B 88 -8.19 7.50 -3.17
N PRO B 89 -9.30 7.99 -3.76
CA PRO B 89 -10.26 8.76 -2.95
C PRO B 89 -11.20 7.96 -2.04
N GLY B 90 -11.28 6.65 -2.17
CA GLY B 90 -12.20 5.93 -1.31
C GLY B 90 -13.65 6.11 -1.75
N PRO B 91 -14.62 5.65 -0.95
CA PRO B 91 -14.55 5.14 0.43
C PRO B 91 -13.83 3.82 0.52
N GLY B 92 -13.52 3.38 1.73
CA GLY B 92 -12.83 2.11 1.94
C GLY B 92 -11.33 2.30 1.94
N ILE B 93 -10.60 1.29 1.51
CA ILE B 93 -9.13 1.37 1.55
C ILE B 93 -8.66 2.41 0.54
N ARG B 94 -7.68 3.22 0.95
CA ARG B 94 -7.09 4.21 0.06
C ARG B 94 -5.70 3.73 -0.38
N TYR B 95 -5.55 3.50 -1.70
CA TYR B 95 -4.30 2.97 -2.23
C TYR B 95 -3.35 4.09 -2.70
N PRO B 96 -2.03 3.88 -2.54
CA PRO B 96 -1.04 4.91 -2.88
C PRO B 96 -0.94 5.15 -4.39
N LEU B 97 -1.01 6.42 -4.80
CA LEU B 97 -0.82 6.79 -6.20
C LEU B 97 0.63 6.56 -6.63
N THR B 98 1.56 6.69 -5.69
CA THR B 98 2.98 6.46 -6.01
C THR B 98 3.34 4.99 -5.92
N PHE B 99 3.55 4.37 -7.07
CA PHE B 99 3.96 2.98 -7.12
C PHE B 99 5.29 2.86 -6.37
N GLY B 100 5.39 1.88 -5.49
CA GLY B 100 6.58 1.73 -4.68
C GLY B 100 6.35 2.01 -3.20
N TRP B 101 5.44 2.92 -2.90
CA TRP B 101 5.09 3.21 -1.52
C TRP B 101 4.24 2.06 -1.01
N CYS B 102 4.68 1.38 0.04
CA CYS B 102 4.02 0.14 0.45
C CYS B 102 3.07 0.30 1.64
N PHE B 103 2.50 1.49 1.79
CA PHE B 103 1.47 1.70 2.80
C PHE B 103 0.20 2.13 2.11
N LYS B 104 -0.93 1.70 2.66
CA LYS B 104 -2.22 2.09 2.18
C LYS B 104 -2.99 2.53 3.41
N LEU B 105 -4.12 3.19 3.23
CA LEU B 105 -4.91 3.65 4.37
C LEU B 105 -6.18 2.81 4.47
N VAL B 106 -6.45 2.25 5.65
CA VAL B 106 -7.55 1.30 5.82
C VAL B 106 -8.54 1.83 6.87
N PRO B 107 -9.85 1.73 6.59
CA PRO B 107 -10.82 2.18 7.61
C PRO B 107 -10.69 1.36 8.88
N VAL B 108 -10.73 2.05 10.02
CA VAL B 108 -10.55 1.39 11.31
C VAL B 108 -11.90 1.26 12.01
N GLU B 109 -12.88 1.99 11.50
CA GLU B 109 -14.27 1.93 12.00
C GLU B 109 -15.26 1.47 10.93
N PRO B 110 -14.87 0.53 10.05
CA PRO B 110 -15.65 0.35 8.80
C PRO B 110 -17.16 0.18 9.00
N GLU B 111 -17.97 0.63 8.04
CA GLU B 111 -17.52 1.24 6.79
C GLU B 111 -18.55 2.30 6.38
N LYS B 112 -18.09 3.49 5.99
CA LYS B 112 -19.01 4.60 5.72
C LYS B 112 -19.22 4.96 4.25
N VAL B 113 -20.31 5.68 4.00
CA VAL B 113 -20.70 6.17 2.68
C VAL B 113 -19.89 7.41 2.31
N ASP B 114 -19.74 8.30 3.29
CA ASP B 114 -18.95 9.51 3.11
C ASP B 114 -17.49 9.23 3.47
N ALA B 115 -16.63 9.21 2.45
CA ALA B 115 -15.21 8.93 2.64
C ALA B 115 -14.52 9.92 3.61
N GLU B 116 -15.05 11.14 3.72
CA GLU B 116 -14.47 12.15 4.61
C GLU B 116 -14.79 11.89 6.08
N LYS B 117 -15.68 10.95 6.35
CA LYS B 117 -16.03 10.63 7.72
C LYS B 117 -15.34 9.35 8.18
N GLU B 118 -14.68 8.65 7.25
CA GLU B 118 -14.02 7.40 7.59
C GLU B 118 -12.72 7.70 8.31
N VAL B 119 -12.51 7.06 9.46
CA VAL B 119 -11.23 7.16 10.15
C VAL B 119 -10.30 6.08 9.60
N LEU B 120 -9.07 6.46 9.26
CA LEU B 120 -8.13 5.54 8.58
C LEU B 120 -6.90 5.27 9.41
N VAL B 121 -6.28 4.10 9.24
CA VAL B 121 -4.93 3.87 9.79
C VAL B 121 -3.98 3.52 8.66
N TRP B 122 -2.69 3.83 8.80
CA TRP B 122 -1.71 3.36 7.83
C TRP B 122 -1.58 1.85 7.99
N ARG B 123 -1.40 1.15 6.87
CA ARG B 123 -1.23 -0.29 6.90
C ARG B 123 -0.22 -0.69 5.85
N PHE B 124 0.80 -1.45 6.26
CA PHE B 124 1.83 -1.87 5.33
C PHE B 124 1.28 -3.00 4.48
N ASP B 125 1.60 -3.01 3.20
CA ASP B 125 1.20 -4.11 2.32
C ASP B 125 2.34 -4.43 1.37
N SER B 126 3.02 -5.55 1.60
CA SER B 126 4.19 -5.91 0.79
C SER B 126 3.87 -6.01 -0.70
N LYS B 127 2.63 -6.40 -1.03
CA LYS B 127 2.27 -6.61 -2.43
C LYS B 127 2.22 -5.32 -3.24
N LEU B 128 2.07 -4.19 -2.56
CA LEU B 128 2.11 -2.89 -3.24
C LEU B 128 3.44 -2.60 -3.95
N ALA B 129 4.50 -3.35 -3.64
CA ALA B 129 5.79 -3.22 -4.35
C ALA B 129 5.74 -3.77 -5.77
N PHE B 130 4.77 -4.66 -6.02
CA PHE B 130 4.68 -5.39 -7.29
C PHE B 130 3.40 -5.04 -8.04
N HIS B 131 2.39 -4.61 -7.29
CA HIS B 131 1.06 -4.39 -7.84
C HIS B 131 0.70 -2.93 -7.68
N HIS B 132 0.52 -2.22 -8.78
CA HIS B 132 0.13 -0.81 -8.71
C HIS B 132 -1.38 -0.73 -8.61
N MET B 133 -1.91 -0.97 -7.42
CA MET B 133 -3.36 -1.09 -7.22
C MET B 133 -4.09 0.17 -7.66
N ALA B 134 -3.52 1.33 -7.33
CA ALA B 134 -4.16 2.59 -7.68
C ALA B 134 -4.38 2.74 -9.19
N ARG B 135 -3.41 2.26 -9.97
CA ARG B 135 -3.45 2.41 -11.41
C ARG B 135 -4.46 1.45 -12.01
N GLU B 136 -4.67 0.32 -11.33
CA GLU B 136 -5.69 -0.59 -11.81
C GLU B 136 -7.11 -0.21 -11.48
N LEU B 137 -7.28 0.46 -10.35
CA LEU B 137 -8.62 0.91 -9.97
C LEU B 137 -8.94 2.25 -10.64
N HIS B 138 -7.90 3.07 -10.85
CA HIS B 138 -8.08 4.40 -11.39
C HIS B 138 -7.07 4.72 -12.48
N PRO B 139 -7.19 4.04 -13.63
CA PRO B 139 -6.22 4.23 -14.71
C PRO B 139 -6.24 5.67 -15.28
N GLU B 140 -7.33 6.39 -15.08
CA GLU B 140 -7.46 7.77 -15.54
C GLU B 140 -6.43 8.72 -14.92
N TYR B 141 -5.88 8.35 -13.76
CA TYR B 141 -4.87 9.18 -13.10
C TYR B 141 -3.54 9.07 -13.83
N TYR B 142 -3.44 8.11 -14.75
CA TYR B 142 -2.17 7.75 -15.33
C TYR B 142 -2.20 7.85 -16.86
N LYS B 143 -1.69 8.95 -17.39
CA LYS B 143 -1.70 9.17 -18.84
C LYS B 143 -0.40 9.79 -19.32
N GLN C 7 -25.54 -11.02 -16.06
CA GLN C 7 -25.90 -11.54 -14.75
C GLN C 7 -24.68 -11.99 -13.92
N LEU C 8 -24.84 -11.97 -12.60
CA LEU C 8 -23.82 -12.47 -11.69
C LEU C 8 -24.51 -13.46 -10.75
N VAL C 9 -24.18 -14.75 -10.89
CA VAL C 9 -24.85 -15.77 -10.06
C VAL C 9 -23.88 -16.56 -9.18
N GLU C 10 -23.96 -16.29 -7.88
CA GLU C 10 -23.07 -16.91 -6.91
C GLU C 10 -23.69 -18.19 -6.37
N SER C 11 -22.84 -19.16 -6.03
CA SER C 11 -23.31 -20.33 -5.31
C SER C 11 -22.25 -20.83 -4.33
N GLY C 12 -22.62 -21.81 -3.51
CA GLY C 12 -21.69 -22.36 -2.53
C GLY C 12 -22.17 -22.20 -1.11
N GLY C 13 -23.25 -21.45 -0.93
CA GLY C 13 -23.73 -21.18 0.42
C GLY C 13 -24.30 -22.42 1.11
N GLY C 14 -24.36 -22.39 2.44
CA GLY C 14 -24.93 -23.50 3.20
C GLY C 14 -24.78 -23.29 4.71
N LEU C 15 -24.98 -24.36 5.48
CA LEU C 15 -24.87 -24.33 6.94
C LEU C 15 -23.47 -24.81 7.36
N VAL C 16 -22.79 -24.03 8.20
CA VAL C 16 -21.40 -24.34 8.55
C VAL C 16 -21.23 -24.31 10.07
N GLN C 17 -20.47 -25.25 10.61
CA GLN C 17 -20.14 -25.22 12.03
C GLN C 17 -18.97 -24.27 12.27
N ALA C 18 -18.97 -23.58 13.41
CA ALA C 18 -17.87 -22.66 13.74
C ALA C 18 -16.53 -23.36 13.59
N GLY C 19 -15.61 -22.72 12.87
CA GLY C 19 -14.32 -23.32 12.60
C GLY C 19 -14.26 -24.07 11.28
N GLY C 20 -15.42 -24.26 10.65
CA GLY C 20 -15.47 -24.95 9.37
C GLY C 20 -15.15 -24.07 8.18
N SER C 21 -15.14 -24.67 6.99
CA SER C 21 -14.78 -23.98 5.76
C SER C 21 -15.91 -24.01 4.74
N LEU C 22 -15.81 -23.13 3.75
CA LEU C 22 -16.78 -23.09 2.65
C LEU C 22 -16.11 -22.42 1.46
N ARG C 23 -16.44 -22.89 0.26
CA ARG C 23 -15.92 -22.29 -0.95
C ARG C 23 -17.03 -21.76 -1.83
N LEU C 24 -16.94 -20.48 -2.15
CA LEU C 24 -17.97 -19.79 -2.92
C LEU C 24 -17.51 -19.60 -4.35
N PHE C 25 -18.46 -19.42 -5.24
CA PHE C 25 -18.17 -19.43 -6.67
C PHE C 25 -19.11 -18.46 -7.37
N CYS C 26 -18.62 -17.73 -8.37
CA CYS C 26 -19.52 -16.88 -9.14
C CYS C 26 -19.32 -17.08 -10.63
N ALA C 27 -20.43 -17.21 -11.35
CA ALA C 27 -20.44 -17.28 -12.81
C ALA C 27 -21.01 -15.97 -13.36
N ALA C 28 -20.23 -15.31 -14.22
CA ALA C 28 -20.52 -13.94 -14.64
C ALA C 28 -20.97 -13.81 -16.10
N SER C 29 -22.07 -13.11 -16.32
CA SER C 29 -22.59 -12.92 -17.69
C SER C 29 -22.94 -11.45 -18.02
N GLY C 30 -23.06 -11.19 -19.32
CA GLY C 30 -22.75 -9.88 -19.86
C GLY C 30 -21.42 -10.24 -20.48
N PHE C 31 -20.36 -9.43 -20.43
CA PHE C 31 -20.12 -8.14 -19.78
C PHE C 31 -18.63 -8.35 -19.78
N THR C 32 -17.83 -7.41 -20.26
CA THR C 32 -16.43 -7.77 -20.49
C THR C 32 -15.69 -8.06 -19.17
N PHE C 33 -15.44 -9.36 -18.95
CA PHE C 33 -14.95 -9.87 -17.68
C PHE C 33 -13.46 -9.64 -17.47
N GLY C 34 -12.67 -9.80 -18.53
CA GLY C 34 -11.23 -9.82 -18.40
C GLY C 34 -10.65 -8.46 -18.06
N THR C 35 -11.39 -7.42 -18.36
CA THR C 35 -10.98 -6.08 -18.00
C THR C 35 -11.90 -5.56 -16.91
N SER C 36 -12.24 -6.46 -15.99
CA SER C 36 -13.03 -6.11 -14.83
C SER C 36 -12.31 -6.45 -13.54
N ASN C 37 -12.25 -5.49 -12.64
CA ASN C 37 -11.83 -5.74 -11.27
C ASN C 37 -13.00 -6.36 -10.56
N MET C 38 -12.80 -7.49 -9.89
CA MET C 38 -13.92 -8.21 -9.26
C MET C 38 -13.81 -8.23 -7.74
N ALA C 39 -14.94 -8.35 -7.05
CA ALA C 39 -14.90 -8.35 -5.60
C ALA C 39 -15.98 -9.24 -5.01
N TRP C 40 -15.77 -9.65 -3.75
CA TRP C 40 -16.84 -10.27 -2.96
C TRP C 40 -17.19 -9.35 -1.81
N LEU C 41 -18.48 -9.22 -1.55
CA LEU C 41 -18.99 -8.41 -0.45
C LEU C 41 -19.92 -9.30 0.34
N ARG C 42 -20.33 -8.87 1.52
CA ARG C 42 -21.35 -9.60 2.26
C ARG C 42 -22.29 -8.65 3.02
N GLN C 43 -23.52 -9.09 3.23
CA GLN C 43 -24.50 -8.32 3.98
C GLN C 43 -25.20 -9.19 5.03
N ALA C 44 -24.99 -8.82 6.28
CA ALA C 44 -25.68 -9.42 7.43
C ALA C 44 -27.08 -8.80 7.55
N PRO C 45 -27.96 -9.38 8.40
CA PRO C 45 -29.32 -8.81 8.42
C PRO C 45 -29.38 -7.47 9.16
N GLY C 46 -30.11 -6.51 8.60
CA GLY C 46 -30.16 -5.17 9.17
C GLY C 46 -28.91 -4.33 8.92
N LYS C 47 -27.74 -4.95 9.07
CA LYS C 47 -26.47 -4.25 8.89
C LYS C 47 -26.20 -3.80 7.45
N ARG C 48 -25.13 -3.04 7.28
CA ARG C 48 -24.76 -2.50 5.98
C ARG C 48 -23.74 -3.40 5.30
N ARG C 49 -23.84 -3.49 3.97
CA ARG C 49 -22.94 -4.34 3.17
C ARG C 49 -21.48 -4.03 3.52
N GLU C 50 -20.66 -5.06 3.51
CA GLU C 50 -19.28 -4.95 3.93
C GLU C 50 -18.40 -5.56 2.85
N TRP C 51 -17.40 -4.81 2.39
CA TRP C 51 -16.44 -5.34 1.44
C TRP C 51 -15.56 -6.41 2.08
N VAL C 52 -15.32 -7.50 1.34
CA VAL C 52 -14.61 -8.64 1.91
C VAL C 52 -13.30 -8.95 1.17
N ALA C 53 -13.36 -9.01 -0.14
CA ALA C 53 -12.17 -9.33 -0.93
C ALA C 53 -12.23 -8.73 -2.32
N LEU C 54 -11.05 -8.49 -2.87
CA LEU C 54 -10.88 -7.87 -4.18
C LEU C 54 -9.88 -8.65 -5.01
N ILE C 55 -10.21 -8.92 -6.26
CA ILE C 55 -9.21 -9.41 -7.20
C ILE C 55 -9.20 -8.54 -8.45
N THR C 56 -8.02 -8.03 -8.71
CA THR C 56 -7.77 -6.97 -9.66
C THR C 56 -7.61 -7.52 -11.09
N ILE C 57 -7.88 -6.69 -12.11
CA ILE C 57 -7.74 -7.06 -13.53
C ILE C 57 -6.51 -7.90 -13.87
N SER C 58 -5.38 -7.58 -13.25
CA SER C 58 -4.16 -8.36 -13.43
C SER C 58 -3.99 -9.36 -12.28
N GLY C 59 -5.08 -9.90 -11.78
CA GLY C 59 -5.02 -10.94 -10.77
C GLY C 59 -4.44 -10.60 -9.40
N TYR C 60 -4.31 -9.30 -9.08
CA TYR C 60 -3.82 -8.90 -7.75
C TYR C 60 -4.95 -8.84 -6.69
N THR C 61 -4.65 -9.22 -5.44
CA THR C 61 -5.68 -9.43 -4.40
C THR C 61 -5.60 -8.53 -3.17
N ASP C 62 -6.75 -8.33 -2.50
CA ASP C 62 -6.78 -7.63 -1.22
C ASP C 62 -7.97 -8.08 -0.37
N TYR C 63 -7.87 -7.89 0.95
CA TYR C 63 -8.88 -8.41 1.88
C TYR C 63 -9.25 -7.45 2.98
N ALA C 64 -10.48 -7.53 3.49
CA ALA C 64 -10.85 -6.78 4.68
C ALA C 64 -10.03 -7.26 5.87
N ASP C 65 -10.11 -6.52 6.97
CA ASP C 65 -9.38 -6.86 8.19
C ASP C 65 -9.97 -8.10 8.84
N SER C 66 -11.29 -8.06 9.01
CA SER C 66 -12.03 -9.15 9.66
C SER C 66 -11.87 -10.52 8.96
N VAL C 67 -11.05 -10.56 7.90
CA VAL C 67 -11.06 -11.66 6.95
C VAL C 67 -9.65 -12.17 6.65
N LYS C 68 -8.66 -11.33 6.96
CA LYS C 68 -7.30 -11.76 7.31
C LYS C 68 -6.60 -12.82 6.45
N ASP C 69 -6.22 -13.91 7.10
CA ASP C 69 -5.51 -14.99 6.45
C ASP C 69 -6.45 -16.18 6.45
N ARG C 70 -7.74 -15.88 6.47
CA ARG C 70 -8.81 -16.89 6.43
C ARG C 70 -9.37 -17.04 5.00
N PHE C 71 -9.73 -15.92 4.37
CA PHE C 71 -10.35 -15.97 3.06
C PHE C 71 -9.32 -15.90 1.95
N THR C 72 -9.64 -16.51 0.82
CA THR C 72 -8.81 -16.38 -0.37
C THR C 72 -9.64 -16.19 -1.63
N ILE C 73 -9.41 -15.10 -2.34
CA ILE C 73 -10.15 -14.84 -3.57
C ILE C 73 -9.28 -15.19 -4.78
N SER C 74 -9.89 -15.79 -5.79
CA SER C 74 -9.16 -16.21 -6.97
C SER C 74 -10.05 -16.03 -8.17
N ARG C 75 -9.45 -15.97 -9.36
CA ARG C 75 -10.22 -15.84 -10.59
C ARG C 75 -9.73 -16.85 -11.62
N ASP C 76 -10.62 -17.21 -12.55
CA ASP C 76 -10.28 -18.08 -13.66
C ASP C 76 -10.88 -17.48 -14.92
N ASN C 77 -9.99 -17.03 -15.80
CA ASN C 77 -10.35 -16.17 -16.93
C ASN C 77 -11.01 -16.91 -18.10
N ALA C 78 -10.76 -18.22 -18.17
CA ALA C 78 -11.35 -19.07 -19.21
C ALA C 78 -12.88 -19.21 -19.07
N LYS C 79 -13.38 -19.03 -17.85
CA LYS C 79 -14.79 -19.32 -17.57
C LYS C 79 -15.66 -18.13 -17.16
N ASN C 80 -15.08 -16.94 -17.16
CA ASN C 80 -15.72 -15.79 -16.53
C ASN C 80 -16.19 -16.18 -15.12
N THR C 81 -15.23 -16.52 -14.27
CA THR C 81 -15.55 -17.02 -12.94
C THR C 81 -14.62 -16.54 -11.82
N VAL C 82 -15.20 -16.27 -10.65
CA VAL C 82 -14.42 -15.88 -9.48
C VAL C 82 -14.88 -16.63 -8.23
N SER C 83 -13.91 -17.09 -7.45
CA SER C 83 -14.14 -17.94 -6.29
C SER C 83 -13.70 -17.27 -4.99
N LEU C 84 -14.26 -17.72 -3.87
CA LEU C 84 -13.86 -17.27 -2.55
C LEU C 84 -13.75 -18.45 -1.61
N GLN C 85 -12.52 -18.78 -1.22
CA GLN C 85 -12.30 -19.81 -0.21
C GLN C 85 -12.36 -19.19 1.16
N MET C 86 -13.17 -19.74 2.05
CA MET C 86 -13.34 -19.20 3.38
C MET C 86 -12.98 -20.25 4.43
N ASN C 87 -11.92 -20.00 5.20
CA ASN C 87 -11.49 -20.93 6.25
C ASN C 87 -11.78 -20.38 7.65
N SER C 88 -11.78 -21.27 8.65
CA SER C 88 -11.98 -20.88 10.04
C SER C 88 -13.19 -19.97 10.27
N LEU C 89 -14.36 -20.38 9.78
CA LEU C 89 -15.55 -19.54 9.82
C LEU C 89 -16.10 -19.34 11.23
N LYS C 90 -16.63 -18.15 11.48
CA LYS C 90 -17.14 -17.76 12.79
C LYS C 90 -18.57 -17.31 12.62
N PRO C 91 -19.36 -17.34 13.70
CA PRO C 91 -20.76 -16.93 13.59
C PRO C 91 -20.95 -15.53 13.03
N GLU C 92 -20.02 -14.62 13.27
CA GLU C 92 -20.17 -13.26 12.75
C GLU C 92 -19.86 -13.17 11.24
N ASP C 93 -19.42 -14.27 10.65
CA ASP C 93 -19.24 -14.35 9.20
C ASP C 93 -20.58 -14.63 8.52
N THR C 94 -21.59 -14.95 9.32
CA THR C 94 -22.92 -15.22 8.79
C THR C 94 -23.42 -14.00 8.04
N ALA C 95 -23.84 -14.22 6.78
CA ALA C 95 -24.29 -13.16 5.89
C ALA C 95 -24.65 -13.75 4.54
N ILE C 96 -25.22 -12.91 3.70
CA ILE C 96 -25.37 -13.22 2.29
C ILE C 96 -24.12 -12.69 1.60
N TYR C 97 -23.46 -13.56 0.83
CA TYR C 97 -22.21 -13.17 0.17
C TYR C 97 -22.50 -12.97 -1.29
N PHE C 98 -22.02 -11.86 -1.85
CA PHE C 98 -22.26 -11.64 -3.27
C PHE C 98 -21.01 -11.14 -3.96
N CYS C 99 -20.98 -11.38 -5.27
CA CYS C 99 -19.87 -10.99 -6.10
C CYS C 99 -20.26 -9.67 -6.80
N ALA C 100 -19.27 -8.83 -7.06
CA ALA C 100 -19.51 -7.55 -7.71
C ALA C 100 -18.34 -7.14 -8.57
N ARG C 101 -18.60 -6.27 -9.54
CA ARG C 101 -17.57 -5.67 -10.35
C ARG C 101 -17.25 -4.30 -9.75
N ARG C 102 -15.96 -4.05 -9.52
CA ARG C 102 -15.54 -2.76 -8.99
C ARG C 102 -15.04 -1.85 -10.11
N VAL C 103 -15.62 -0.65 -10.20
CA VAL C 103 -15.11 0.33 -11.14
C VAL C 103 -14.76 1.62 -10.40
N GLY C 104 -13.47 1.91 -10.36
CA GLY C 104 -13.00 3.07 -9.62
C GLY C 104 -13.26 2.84 -8.15
N SER C 105 -14.15 3.64 -7.59
CA SER C 105 -14.46 3.55 -6.17
C SER C 105 -15.80 2.90 -5.93
N GLU C 106 -16.54 2.65 -7.00
CA GLU C 106 -17.91 2.15 -6.88
C GLU C 106 -18.02 0.71 -7.33
N TYR C 107 -19.12 0.06 -6.94
CA TYR C 107 -19.39 -1.29 -7.39
C TYR C 107 -20.45 -1.27 -8.48
N ASP C 108 -19.98 -1.45 -9.71
CA ASP C 108 -20.77 -1.39 -10.93
C ASP C 108 -21.96 -2.35 -10.88
N LEU C 109 -21.65 -3.64 -10.93
CA LEU C 109 -22.63 -4.71 -11.02
C LEU C 109 -22.49 -5.57 -9.77
N TRP C 110 -23.57 -6.23 -9.36
CA TRP C 110 -23.50 -7.17 -8.25
C TRP C 110 -24.63 -8.20 -8.32
N GLY C 111 -24.37 -9.42 -7.85
CA GLY C 111 -25.38 -10.46 -7.86
C GLY C 111 -26.27 -10.44 -6.62
N GLN C 112 -27.25 -11.33 -6.61
CA GLN C 112 -28.13 -11.45 -5.45
C GLN C 112 -27.46 -12.18 -4.28
N GLY C 113 -26.50 -13.04 -4.59
CA GLY C 113 -25.67 -13.60 -3.55
C GLY C 113 -26.04 -14.99 -3.09
N THR C 114 -25.28 -15.50 -2.12
CA THR C 114 -25.53 -16.84 -1.62
C THR C 114 -25.39 -16.81 -0.09
N GLN C 115 -26.26 -17.56 0.59
CA GLN C 115 -26.38 -17.45 2.05
C GLN C 115 -25.37 -18.31 2.77
N VAL C 116 -24.63 -17.70 3.70
CA VAL C 116 -23.72 -18.46 4.54
C VAL C 116 -24.13 -18.30 5.99
N THR C 117 -24.42 -19.42 6.65
CA THR C 117 -24.90 -19.40 8.04
C THR C 117 -24.00 -20.24 8.90
N VAL C 118 -23.27 -19.57 9.80
CA VAL C 118 -22.29 -20.23 10.64
C VAL C 118 -22.83 -20.30 12.08
N SER C 119 -22.84 -21.51 12.63
CA SER C 119 -23.32 -21.73 14.00
C SER C 119 -22.17 -22.23 14.85
N SER C 120 -22.35 -22.19 16.17
CA SER C 120 -21.40 -22.81 17.07
C SER C 120 -22.11 -23.79 17.99
#